data_2QE9
#
_entry.id   2QE9
#
_cell.length_a   53.184
_cell.length_b   53.184
_cell.length_c   251.364
_cell.angle_alpha   90.000
_cell.angle_beta   90.000
_cell.angle_gamma   90.000
#
_symmetry.space_group_name_H-M   'P 41 21 2'
#
loop_
_entity.id
_entity.type
_entity.pdbx_description
1 polymer 'Uncharacterized protein yizA'
2 non-polymer 'NICKEL (II) ION'
3 non-polymer 'CITRIC ACID'
4 non-polymer 1,2-ETHANEDIOL
5 water water
#
_entity_poly.entity_id   1
_entity_poly.type   'polypeptide(L)'
_entity_poly.pdbx_seq_one_letter_code
;(MSE)GSDKIHHHHHHENLYFQG(MSE)(MSE)KFFEYNWQVRDQWFTWCHQLTTEELLKNRLGGVENILYTLFHIIDVE
YSWIRAIQGKEDIAVQFADYQTLNKVKSLSNTFRTEIIDVLQTHSDQIKDELVSVPWETGVLYTRDEILHHIIAHEIHHI
GQLSVWARELKLSPVSASFIGRTLKPIHSY
;
_entity_poly.pdbx_strand_id   A,B
#
loop_
_chem_comp.id
_chem_comp.type
_chem_comp.name
_chem_comp.formula
CIT non-polymer 'CITRIC ACID' 'C6 H8 O7'
EDO non-polymer 1,2-ETHANEDIOL 'C2 H6 O2'
NI non-polymer 'NICKEL (II) ION' 'Ni 2'
#
# COMPACT_ATOMS: atom_id res chain seq x y z
N HIS A 8 33.76 0.63 -23.35
CA HIS A 8 32.63 1.03 -22.45
C HIS A 8 31.28 0.89 -23.15
N HIS A 9 30.20 1.06 -22.38
CA HIS A 9 28.82 0.96 -22.89
C HIS A 9 27.92 2.06 -22.31
N HIS A 10 26.92 2.48 -23.08
CA HIS A 10 25.95 3.50 -22.62
C HIS A 10 25.04 2.84 -21.58
N HIS A 11 24.60 3.58 -20.57
CA HIS A 11 23.88 3.02 -19.41
C HIS A 11 22.32 2.86 -19.48
N HIS A 12 21.61 4.00 -19.45
CA HIS A 12 20.12 4.10 -19.45
C HIS A 12 19.41 3.65 -18.14
N GLU A 13 18.60 4.55 -17.56
CA GLU A 13 17.85 4.30 -16.32
C GLU A 13 16.82 3.17 -16.48
N ASN A 14 16.69 2.36 -15.43
CA ASN A 14 15.76 1.25 -15.39
C ASN A 14 14.50 1.84 -14.78
N LEU A 15 13.52 2.17 -15.64
CA LEU A 15 12.28 2.78 -15.16
C LEU A 15 11.54 1.84 -14.24
N TYR A 16 11.41 0.57 -14.62
CA TYR A 16 10.75 -0.43 -13.78
C TYR A 16 11.36 -0.43 -12.37
N PHE A 17 12.69 -0.54 -12.31
CA PHE A 17 13.42 -0.61 -11.04
C PHE A 17 13.17 0.62 -10.17
N GLN A 18 13.30 1.80 -10.76
CA GLN A 18 13.06 3.05 -10.01
C GLN A 18 11.60 3.16 -9.54
N GLY A 19 10.65 2.74 -10.38
CA GLY A 19 9.23 2.64 -10.01
C GLY A 19 8.97 1.78 -8.79
N MSE A 20 9.56 0.60 -8.72
CA MSE A 20 9.42 -0.27 -7.55
C MSE A 20 10.15 0.31 -6.32
O MSE A 20 9.64 0.22 -5.19
CB MSE A 20 9.89 -1.70 -7.87
CG MSE A 20 9.15 -2.35 -9.03
SE MSE A 20 7.22 -2.50 -8.74
CE MSE A 20 7.23 -4.03 -7.61
N MSE A 21 11.32 0.92 -6.53
CA MSE A 21 12.10 1.47 -5.41
C MSE A 21 11.39 2.62 -4.72
O MSE A 21 11.50 2.73 -3.49
CB MSE A 21 13.50 1.89 -5.82
CG MSE A 21 14.47 0.77 -6.19
SE MSE A 21 14.49 -0.68 -4.92
CE MSE A 21 13.13 -1.79 -5.75
N LYS A 22 10.65 3.46 -5.45
CA LYS A 22 9.86 4.56 -4.85
C LYS A 22 8.86 4.04 -3.82
N PHE A 23 8.29 2.85 -4.02
CA PHE A 23 7.43 2.23 -2.99
C PHE A 23 8.22 1.84 -1.73
N PHE A 24 9.42 1.29 -1.90
CA PHE A 24 10.29 0.96 -0.76
C PHE A 24 10.70 2.21 -0.01
N GLU A 25 11.06 3.25 -0.76
CA GLU A 25 11.46 4.53 -0.16
C GLU A 25 10.31 5.12 0.69
N TYR A 26 9.13 5.17 0.09
CA TYR A 26 7.90 5.60 0.76
C TYR A 26 7.65 4.79 2.03
N ASN A 27 7.67 3.47 1.89
CA ASN A 27 7.46 2.58 3.02
C ASN A 27 8.46 2.78 4.15
N TRP A 28 9.74 2.88 3.80
CA TRP A 28 10.77 3.07 4.84
C TRP A 28 10.62 4.38 5.59
N GLN A 29 10.31 5.45 4.88
CA GLN A 29 10.11 6.76 5.50
C GLN A 29 8.87 6.77 6.40
N VAL A 30 7.79 6.17 5.92
CA VAL A 30 6.55 6.05 6.71
C VAL A 30 6.80 5.21 7.97
N ARG A 31 7.48 4.08 7.81
CA ARG A 31 7.78 3.17 8.93
C ARG A 31 8.58 3.87 10.01
N ASP A 32 9.62 4.62 9.59
CA ASP A 32 10.47 5.33 10.55
C ASP A 32 9.69 6.39 11.33
N GLN A 33 8.76 7.05 10.66
CA GLN A 33 7.82 7.98 11.34
C GLN A 33 6.91 7.28 12.35
N TRP A 34 6.44 6.07 12.01
CA TRP A 34 5.67 5.24 13.00
C TRP A 34 6.54 4.84 14.18
N PHE A 35 7.81 4.52 13.95
CA PHE A 35 8.75 4.25 15.06
C PHE A 35 8.88 5.48 15.95
N THR A 36 8.99 6.67 15.35
CA THR A 36 9.00 7.92 16.13
C THR A 36 7.68 8.12 16.90
N TRP A 37 6.55 7.90 16.23
CA TRP A 37 5.19 7.99 16.82
C TRP A 37 5.06 7.12 18.08
N CYS A 38 5.64 5.93 18.03
CA CYS A 38 5.62 4.97 19.17
C CYS A 38 6.29 5.49 20.44
N HIS A 39 7.22 6.45 20.33
CA HIS A 39 7.88 7.04 21.53
C HIS A 39 6.96 7.77 22.49
N GLN A 40 5.81 8.25 22.02
CA GLN A 40 4.86 8.91 22.90
C GLN A 40 4.05 7.92 23.74
N LEU A 41 4.04 6.64 23.34
CA LEU A 41 3.29 5.60 24.04
C LEU A 41 4.06 4.97 25.18
N THR A 42 3.32 4.42 26.14
CA THR A 42 3.91 3.67 27.25
C THR A 42 4.25 2.29 26.71
N THR A 43 5.03 1.52 27.46
CA THR A 43 5.34 0.14 27.06
C THR A 43 4.03 -0.70 27.10
N GLU A 44 3.11 -0.32 27.99
CA GLU A 44 1.77 -0.93 28.12
C GLU A 44 0.98 -0.73 26.83
N GLU A 45 0.84 0.52 26.42
CA GLU A 45 0.16 0.89 25.15
C GLU A 45 0.82 0.22 23.94
N LEU A 46 2.16 0.16 23.90
CA LEU A 46 2.88 -0.50 22.79
C LEU A 46 2.60 -1.99 22.62
N LEU A 47 2.60 -2.72 23.73
CA LEU A 47 2.38 -4.18 23.73
C LEU A 47 0.91 -4.64 23.91
N LYS A 48 -0.02 -3.73 24.22
CA LYS A 48 -1.44 -4.09 24.46
C LYS A 48 -2.05 -4.82 23.26
N ASN A 49 -2.79 -5.88 23.56
CA ASN A 49 -3.46 -6.67 22.56
C ASN A 49 -4.73 -5.94 22.12
N ARG A 50 -4.87 -5.77 20.81
CA ARG A 50 -6.00 -5.10 20.17
C ARG A 50 -6.56 -6.03 19.10
N LEU A 51 -7.77 -5.76 18.61
CA LEU A 51 -8.39 -6.56 17.52
C LEU A 51 -7.86 -6.09 16.16
N GLY A 52 -7.62 -7.05 15.26
CA GLY A 52 -7.15 -6.79 13.90
C GLY A 52 -5.67 -7.12 13.70
N GLY A 53 -5.34 -7.64 12.51
CA GLY A 53 -3.96 -7.98 12.12
C GLY A 53 -3.25 -8.88 13.10
N VAL A 54 -1.99 -8.55 13.40
CA VAL A 54 -1.20 -9.29 14.42
C VAL A 54 -1.36 -8.70 15.86
N GLU A 55 -2.38 -7.88 16.05
CA GLU A 55 -2.93 -7.47 17.36
C GLU A 55 -2.19 -6.52 18.31
N ASN A 56 -0.89 -6.27 18.16
CA ASN A 56 -0.27 -5.21 18.99
C ASN A 56 0.65 -4.37 18.13
N ILE A 57 0.87 -3.14 18.57
CA ILE A 57 1.62 -2.15 17.79
C ILE A 57 3.06 -2.57 17.55
N LEU A 58 3.77 -2.96 18.60
CA LEU A 58 5.20 -3.34 18.47
C LEU A 58 5.39 -4.58 17.60
N TYR A 59 4.54 -5.60 17.80
CA TYR A 59 4.59 -6.82 16.99
C TYR A 59 4.23 -6.54 15.52
N THR A 60 3.31 -5.61 15.28
CA THR A 60 3.00 -5.21 13.89
C THR A 60 4.27 -4.69 13.18
N LEU A 61 5.03 -3.82 13.85
CA LEU A 61 6.28 -3.28 13.29
C LEU A 61 7.32 -4.39 13.10
N PHE A 62 7.47 -5.25 14.10
CA PHE A 62 8.37 -6.42 14.04
C PHE A 62 8.01 -7.36 12.87
N HIS A 63 6.72 -7.66 12.76
CA HIS A 63 6.18 -8.50 11.68
C HIS A 63 6.46 -7.89 10.29
N ILE A 64 6.28 -6.58 10.16
CA ILE A 64 6.56 -5.91 8.89
C ILE A 64 8.02 -6.13 8.50
N ILE A 65 8.95 -5.88 9.42
CA ILE A 65 10.39 -5.98 9.10
C ILE A 65 10.86 -7.42 8.88
N ASP A 66 10.27 -8.35 9.63
CA ASP A 66 10.56 -9.76 9.52
C ASP A 66 10.17 -10.30 8.13
N VAL A 67 8.94 -10.03 7.73
CA VAL A 67 8.41 -10.49 6.44
C VAL A 67 9.21 -9.87 5.28
N GLU A 68 9.46 -8.57 5.35
CA GLU A 68 10.24 -7.90 4.31
C GLU A 68 11.63 -8.52 4.17
N TYR A 69 12.34 -8.68 5.29
CA TYR A 69 13.71 -9.19 5.23
C TYR A 69 13.76 -10.64 4.73
N SER A 70 12.87 -11.49 5.24
CA SER A 70 12.76 -12.87 4.79
C SER A 70 12.60 -13.04 3.26
N TRP A 71 11.70 -12.27 2.66
CA TRP A 71 11.51 -12.34 1.22
C TRP A 71 12.74 -11.83 0.46
N ILE A 72 13.31 -10.71 0.91
CA ILE A 72 14.53 -10.14 0.28
C ILE A 72 15.67 -11.15 0.37
N ARG A 73 15.78 -11.85 1.50
CA ARG A 73 16.76 -12.92 1.68
C ARG A 73 16.49 -14.10 0.72
N ALA A 74 15.21 -14.42 0.50
CA ALA A 74 14.82 -15.45 -0.48
C ALA A 74 15.27 -15.03 -1.88
N ILE A 75 15.10 -13.75 -2.21
CA ILE A 75 15.54 -13.18 -3.50
C ILE A 75 17.07 -13.28 -3.62
N GLN A 76 17.75 -12.92 -2.54
CA GLN A 76 19.23 -13.00 -2.45
C GLN A 76 19.74 -14.46 -2.56
N GLY A 77 18.88 -15.44 -2.26
CA GLY A 77 19.20 -16.86 -2.30
C GLY A 77 19.64 -17.42 -0.95
N LYS A 78 19.53 -16.60 0.10
CA LYS A 78 19.98 -16.95 1.45
C LYS A 78 18.78 -17.24 2.35
N GLU A 79 18.97 -18.15 3.30
CA GLU A 79 17.95 -18.56 4.26
C GLU A 79 18.43 -18.19 5.65
N ASP A 80 17.50 -17.83 6.54
CA ASP A 80 17.82 -17.43 7.92
C ASP A 80 17.01 -18.16 8.96
N ILE A 81 17.58 -18.26 10.16
CA ILE A 81 16.90 -18.81 11.32
C ILE A 81 15.87 -17.75 11.72
N ALA A 82 14.67 -18.21 12.09
CA ALA A 82 13.58 -17.32 12.45
C ALA A 82 13.98 -16.37 13.56
N VAL A 83 13.70 -15.08 13.36
CA VAL A 83 13.93 -14.06 14.36
C VAL A 83 12.72 -14.22 15.27
N GLN A 84 12.96 -14.30 16.57
CA GLN A 84 11.88 -14.49 17.53
C GLN A 84 11.57 -13.17 18.19
N PHE A 85 10.30 -12.78 18.14
CA PHE A 85 9.81 -11.52 18.73
C PHE A 85 10.17 -11.42 20.23
N ALA A 86 10.20 -12.56 20.93
CA ALA A 86 10.65 -12.60 22.35
C ALA A 86 12.02 -11.96 22.60
N ASP A 87 12.94 -12.07 21.63
CA ASP A 87 14.25 -11.42 21.69
C ASP A 87 14.24 -9.89 21.36
N TYR A 88 13.11 -9.34 20.89
CA TYR A 88 12.96 -7.91 20.52
C TYR A 88 11.67 -7.32 21.13
N GLN A 89 11.60 -7.29 22.46
CA GLN A 89 10.36 -6.82 23.17
C GLN A 89 10.29 -5.34 23.53
N THR A 90 11.13 -4.50 22.91
CA THR A 90 11.16 -3.07 23.16
C THR A 90 11.18 -2.33 21.84
N LEU A 91 10.75 -1.08 21.87
CA LEU A 91 10.75 -0.24 20.69
C LEU A 91 12.17 -0.06 20.12
N ASN A 92 13.15 0.22 20.99
CA ASN A 92 14.55 0.40 20.58
C ASN A 92 15.12 -0.84 19.89
N LYS A 93 14.82 -2.02 20.43
CA LYS A 93 15.28 -3.30 19.84
C LYS A 93 14.69 -3.55 18.45
N VAL A 94 13.39 -3.26 18.29
CA VAL A 94 12.72 -3.41 17.00
C VAL A 94 13.26 -2.35 16.00
N LYS A 95 13.46 -1.10 16.43
CA LYS A 95 14.07 -0.07 15.57
C LYS A 95 15.50 -0.46 15.13
N SER A 96 16.31 -0.98 16.04
CA SER A 96 17.67 -1.43 15.70
C SER A 96 17.65 -2.58 14.69
N LEU A 97 16.74 -3.53 14.89
CA LEU A 97 16.56 -4.65 13.95
C LEU A 97 16.16 -4.11 12.57
N SER A 98 15.23 -3.14 12.54
CA SER A 98 14.79 -2.52 11.29
C SER A 98 15.99 -1.98 10.49
N ASN A 99 16.82 -1.20 11.16
CA ASN A 99 18.03 -0.62 10.56
C ASN A 99 19.06 -1.67 10.11
N THR A 100 19.26 -2.71 10.91
CA THR A 100 20.17 -3.82 10.56
C THR A 100 19.72 -4.53 9.30
N PHE A 101 18.44 -4.93 9.25
CA PHE A 101 17.89 -5.56 8.06
C PHE A 101 17.95 -4.64 6.82
N ARG A 102 17.67 -3.36 7.02
CA ARG A 102 17.68 -2.37 5.92
C ARG A 102 19.02 -2.28 5.23
N THR A 103 20.11 -2.28 6.00
CA THR A 103 21.47 -2.26 5.46
C THR A 103 21.70 -3.37 4.42
N GLU A 104 21.25 -4.59 4.75
CA GLU A 104 21.34 -5.73 3.85
C GLU A 104 20.38 -5.62 2.66
N ILE A 105 19.15 -5.18 2.93
CA ILE A 105 18.13 -5.02 1.89
C ILE A 105 18.58 -4.05 0.79
N ILE A 106 19.17 -2.91 1.18
CA ILE A 106 19.70 -1.89 0.25
C ILE A 106 20.73 -2.53 -0.70
N ASP A 107 21.62 -3.34 -0.16
CA ASP A 107 22.62 -4.03 -0.99
C ASP A 107 21.98 -4.98 -2.01
N VAL A 108 20.98 -5.75 -1.57
CA VAL A 108 20.27 -6.70 -2.44
C VAL A 108 19.50 -5.99 -3.57
N LEU A 109 18.83 -4.90 -3.22
CA LEU A 109 18.10 -4.09 -4.21
C LEU A 109 19.06 -3.36 -5.18
N GLN A 110 20.19 -2.88 -4.68
CA GLN A 110 21.22 -2.23 -5.53
C GLN A 110 21.99 -3.21 -6.46
N THR A 111 21.77 -4.54 -6.36
CA THR A 111 22.43 -5.53 -7.24
C THR A 111 21.56 -5.86 -8.46
N HIS A 112 22.07 -5.53 -9.65
CA HIS A 112 21.39 -5.78 -10.94
C HIS A 112 22.38 -5.93 -12.11
N GLU A 119 16.41 -14.10 -11.81
CA GLU A 119 15.97 -15.49 -11.92
C GLU A 119 14.83 -15.82 -10.93
N LEU A 120 14.18 -16.96 -11.12
CA LEU A 120 13.07 -17.41 -10.26
C LEU A 120 13.56 -17.65 -8.83
N VAL A 121 12.69 -17.37 -7.87
CA VAL A 121 13.01 -17.45 -6.45
C VAL A 121 12.25 -18.58 -5.77
N SER A 122 13.01 -19.49 -5.15
CA SER A 122 12.44 -20.54 -4.32
C SER A 122 12.38 -19.96 -2.92
N VAL A 123 11.43 -20.46 -2.12
CA VAL A 123 11.29 -20.06 -0.72
C VAL A 123 11.37 -21.34 0.14
N PRO A 124 12.11 -21.30 1.28
CA PRO A 124 12.26 -22.54 2.11
C PRO A 124 10.95 -23.09 2.66
N TRP A 125 10.04 -22.18 3.02
CA TRP A 125 8.71 -22.53 3.53
C TRP A 125 7.82 -23.23 2.46
N GLU A 126 7.67 -22.62 1.28
CA GLU A 126 6.78 -23.13 0.20
C GLU A 126 7.49 -24.03 -0.85
N THR A 127 7.48 -25.35 -0.63
CA THR A 127 8.02 -26.35 -1.59
C THR A 127 7.12 -26.44 -2.85
N GLY A 128 7.70 -26.79 -4.01
CA GLY A 128 6.92 -26.87 -5.28
C GLY A 128 6.41 -25.54 -5.93
N VAL A 129 6.78 -24.40 -5.40
CA VAL A 129 6.36 -23.15 -6.01
C VAL A 129 7.57 -22.23 -6.12
N LEU A 130 7.67 -21.51 -7.23
CA LEU A 130 8.73 -20.53 -7.43
C LEU A 130 8.07 -19.27 -7.87
N TYR A 131 8.65 -18.15 -7.45
CA TYR A 131 8.10 -16.84 -7.73
C TYR A 131 9.10 -15.99 -8.49
N THR A 132 8.58 -15.04 -9.26
CA THR A 132 9.45 -14.08 -9.94
C THR A 132 9.85 -13.05 -8.89
N ARG A 133 11.00 -12.40 -9.11
CA ARG A 133 11.43 -11.32 -8.19
CA ARG A 133 11.44 -11.33 -8.23
C ARG A 133 10.33 -10.28 -8.18
N ASP A 134 9.78 -9.95 -9.36
CA ASP A 134 8.71 -8.94 -9.47
C ASP A 134 7.50 -9.28 -8.58
N GLU A 135 7.05 -10.52 -8.65
CA GLU A 135 5.92 -10.97 -7.80
C GLU A 135 6.19 -10.72 -6.31
N ILE A 136 7.39 -11.06 -5.87
CA ILE A 136 7.82 -10.90 -4.48
C ILE A 136 7.88 -9.43 -4.10
N LEU A 137 8.45 -8.57 -4.96
CA LEU A 137 8.50 -7.11 -4.67
C LEU A 137 7.10 -6.54 -4.48
N HIS A 138 6.18 -6.90 -5.36
CA HIS A 138 4.76 -6.51 -5.22
C HIS A 138 4.16 -6.93 -3.84
N HIS A 139 4.43 -8.18 -3.46
CA HIS A 139 3.95 -8.78 -2.21
C HIS A 139 4.47 -8.07 -0.97
N ILE A 140 5.79 -7.81 -0.93
CA ILE A 140 6.44 -7.05 0.16
C ILE A 140 5.86 -5.65 0.31
N ILE A 141 5.74 -4.95 -0.81
CA ILE A 141 5.25 -3.57 -0.83
C ILE A 141 3.82 -3.48 -0.28
N ALA A 142 2.93 -4.32 -0.80
CA ALA A 142 1.55 -4.32 -0.37
C ALA A 142 1.41 -4.75 1.11
N HIS A 143 2.24 -5.72 1.52
CA HIS A 143 2.23 -6.23 2.89
C HIS A 143 2.49 -5.15 3.94
N GLU A 144 3.48 -4.30 3.70
CA GLU A 144 3.77 -3.22 4.64
C GLU A 144 2.65 -2.18 4.69
N ILE A 145 2.23 -1.70 3.52
CA ILE A 145 1.19 -0.66 3.43
C ILE A 145 -0.08 -1.15 4.13
N HIS A 146 -0.43 -2.44 3.91
CA HIS A 146 -1.57 -3.06 4.58
C HIS A 146 -1.53 -2.99 6.12
N HIS A 147 -0.43 -3.46 6.72
CA HIS A 147 -0.29 -3.43 8.18
C HIS A 147 -0.18 -2.02 8.76
N ILE A 148 0.46 -1.13 8.02
CA ILE A 148 0.56 0.26 8.42
C ILE A 148 -0.86 0.90 8.47
N GLY A 149 -1.72 0.52 7.52
CA GLY A 149 -3.12 0.93 7.53
C GLY A 149 -3.84 0.53 8.82
N GLN A 150 -3.52 -0.65 9.31
CA GLN A 150 -4.08 -1.14 10.59
C GLN A 150 -3.64 -0.25 11.77
N LEU A 151 -2.37 0.20 11.76
CA LEU A 151 -1.87 1.07 12.83
C LEU A 151 -2.62 2.38 12.93
N SER A 152 -3.03 2.93 11.79
CA SER A 152 -3.78 4.19 11.78
C SER A 152 -5.14 4.10 12.48
N VAL A 153 -5.76 2.92 12.49
CA VAL A 153 -7.03 2.74 13.21
C VAL A 153 -6.74 2.78 14.71
N TRP A 154 -5.74 2.01 15.13
CA TRP A 154 -5.34 1.98 16.55
C TRP A 154 -4.92 3.36 17.07
N ALA A 155 -4.21 4.11 16.25
CA ALA A 155 -3.80 5.48 16.57
C ALA A 155 -5.01 6.33 16.97
N ARG A 156 -6.07 6.28 16.15
CA ARG A 156 -7.31 7.04 16.42
C ARG A 156 -8.06 6.49 17.63
N GLU A 157 -8.01 5.17 17.84
CA GLU A 157 -8.57 4.54 19.05
C GLU A 157 -7.84 4.96 20.33
N LEU A 158 -6.56 5.29 20.21
CA LEU A 158 -5.76 5.86 21.30
C LEU A 158 -5.93 7.39 21.45
N LYS A 159 -6.77 8.02 20.62
CA LYS A 159 -7.01 9.48 20.57
C LYS A 159 -5.72 10.24 20.18
N LEU A 160 -4.98 9.66 19.24
CA LEU A 160 -3.75 10.21 18.69
C LEU A 160 -3.90 10.38 17.19
N SER A 161 -3.15 11.32 16.61
CA SER A 161 -3.15 11.51 15.17
C SER A 161 -2.19 10.46 14.58
N PRO A 162 -2.62 9.69 13.57
CA PRO A 162 -1.67 8.80 12.95
C PRO A 162 -0.66 9.56 12.08
N VAL A 163 0.39 8.85 11.71
CA VAL A 163 1.41 9.33 10.79
C VAL A 163 0.79 9.36 9.38
N SER A 164 1.14 10.36 8.60
CA SER A 164 0.64 10.48 7.22
C SER A 164 1.01 9.26 6.39
N ALA A 165 0.07 8.81 5.57
CA ALA A 165 0.27 7.75 4.59
C ALA A 165 0.38 8.32 3.16
N SER A 166 0.40 9.64 3.00
CA SER A 166 0.41 10.24 1.66
C SER A 166 1.72 9.93 0.95
N PHE A 167 1.61 9.48 -0.30
CA PHE A 167 2.80 9.32 -1.17
C PHE A 167 3.12 10.68 -1.74
N ILE A 168 2.09 11.32 -2.30
CA ILE A 168 2.15 12.66 -2.83
C ILE A 168 2.57 13.68 -1.78
N GLY A 169 3.39 14.65 -2.19
CA GLY A 169 3.85 15.72 -1.33
C GLY A 169 4.96 15.37 -0.37
N ARG A 170 5.59 14.21 -0.58
CA ARG A 170 6.67 13.68 0.26
C ARG A 170 7.97 13.60 -0.54
N THR A 171 9.04 14.14 0.02
CA THR A 171 10.34 14.05 -0.59
C THR A 171 10.88 12.66 -0.29
N LEU A 172 11.20 11.92 -1.33
CA LEU A 172 11.72 10.56 -1.20
C LEU A 172 13.25 10.55 -1.23
N LYS A 173 13.84 9.90 -0.23
CA LYS A 173 15.29 9.75 -0.13
C LYS A 173 15.63 8.55 -1.00
N PRO A 174 16.49 8.74 -2.04
CA PRO A 174 16.81 7.56 -2.88
C PRO A 174 17.53 6.43 -2.14
N ILE A 175 17.32 5.19 -2.59
CA ILE A 175 17.95 4.00 -2.01
C ILE A 175 19.48 4.20 -1.93
N HIS A 176 20.09 4.79 -2.98
CA HIS A 176 21.55 5.07 -2.99
C HIS A 176 22.02 6.09 -1.91
N SER A 177 21.12 6.98 -1.47
CA SER A 177 21.42 7.97 -0.41
C SER A 177 21.43 7.43 1.03
N TYR A 178 21.06 6.16 1.24
CA TYR A 178 21.20 5.49 2.56
C TYR A 178 22.66 5.06 2.76
N HIS B 9 1.98 1.47 -35.76
CA HIS B 9 2.97 0.53 -35.15
C HIS B 9 2.76 0.41 -33.64
N HIS B 10 2.68 -0.83 -33.16
CA HIS B 10 2.48 -1.14 -31.73
C HIS B 10 3.81 -1.59 -31.11
N HIS B 11 4.04 -1.14 -29.87
CA HIS B 11 5.19 -1.54 -29.05
C HIS B 11 4.73 -2.51 -27.96
N HIS B 12 5.67 -3.35 -27.53
CA HIS B 12 5.43 -4.28 -26.44
C HIS B 12 5.22 -3.45 -25.16
N GLU B 13 4.33 -3.91 -24.26
CA GLU B 13 4.10 -3.22 -22.99
C GLU B 13 5.41 -3.13 -22.22
N ASN B 14 5.73 -1.94 -21.72
CA ASN B 14 6.98 -1.75 -20.98
C ASN B 14 6.82 -2.34 -19.57
N LEU B 15 7.92 -2.85 -19.03
CA LEU B 15 7.95 -3.51 -17.70
C LEU B 15 7.43 -2.61 -16.58
N TYR B 16 7.76 -1.32 -16.63
CA TYR B 16 7.29 -0.34 -15.65
C TYR B 16 5.76 -0.33 -15.63
N PHE B 17 5.16 -0.19 -16.81
CA PHE B 17 3.71 -0.16 -16.91
C PHE B 17 3.06 -1.49 -16.43
N GLN B 18 3.60 -2.63 -16.83
CA GLN B 18 3.10 -3.93 -16.33
C GLN B 18 3.15 -4.06 -14.78
N GLY B 19 4.24 -3.59 -14.18
CA GLY B 19 4.42 -3.57 -12.70
C GLY B 19 3.41 -2.69 -11.99
N MSE B 20 3.15 -1.52 -12.57
CA MSE B 20 2.14 -0.60 -12.01
C MSE B 20 0.75 -1.21 -12.14
O MSE B 20 -0.01 -1.23 -11.18
CB MSE B 20 2.25 0.79 -12.64
CG MSE B 20 3.60 1.45 -12.38
SE MSE B 20 4.05 1.67 -10.46
CE MSE B 20 2.83 3.12 -10.17
N MSE B 21 0.44 -1.73 -13.32
CA MSE B 21 -0.87 -2.36 -13.58
C MSE B 21 -1.18 -3.57 -12.68
O MSE B 21 -2.34 -3.75 -12.31
CB MSE B 21 -1.02 -2.76 -15.06
CG MSE B 21 -1.13 -1.54 -16.02
SE MSE B 21 -2.42 -0.22 -15.42
CE MSE B 21 -3.88 -1.58 -15.34
N LYS B 22 -0.17 -4.37 -12.34
CA LYS B 22 -0.34 -5.49 -11.41
C LYS B 22 -0.90 -5.04 -10.05
N PHE B 23 -0.48 -3.87 -9.58
CA PHE B 23 -1.01 -3.30 -8.34
C PHE B 23 -2.47 -2.90 -8.52
N PHE B 24 -2.83 -2.25 -9.64
CA PHE B 24 -4.22 -1.92 -9.90
C PHE B 24 -5.13 -3.15 -9.92
N GLU B 25 -4.70 -4.16 -10.65
CA GLU B 25 -5.47 -5.43 -10.79
C GLU B 25 -5.68 -6.07 -9.43
N TYR B 26 -4.60 -6.13 -8.64
CA TYR B 26 -4.64 -6.59 -7.24
C TYR B 26 -5.68 -5.78 -6.43
N ASN B 27 -5.56 -4.45 -6.48
CA ASN B 27 -6.46 -3.58 -5.73
C ASN B 27 -7.95 -3.82 -6.09
N TRP B 28 -8.21 -3.90 -7.39
CA TRP B 28 -9.58 -4.06 -7.90
C TRP B 28 -10.15 -5.40 -7.47
N GLN B 29 -9.35 -6.46 -7.56
CA GLN B 29 -9.79 -7.78 -7.12
C GLN B 29 -10.13 -7.79 -5.62
N VAL B 30 -9.21 -7.26 -4.79
CA VAL B 30 -9.40 -7.18 -3.33
C VAL B 30 -10.66 -6.37 -3.01
N ARG B 31 -10.84 -5.24 -3.70
CA ARG B 31 -12.01 -4.38 -3.48
C ARG B 31 -13.33 -5.14 -3.70
N ASP B 32 -13.39 -5.91 -4.79
CA ASP B 32 -14.57 -6.72 -5.12
C ASP B 32 -14.86 -7.73 -4.01
N GLN B 33 -13.81 -8.33 -3.44
CA GLN B 33 -13.93 -9.25 -2.32
C GLN B 33 -14.44 -8.53 -1.06
N TRP B 34 -14.04 -7.29 -0.84
CA TRP B 34 -14.61 -6.50 0.27
C TRP B 34 -16.08 -6.16 0.03
N PHE B 35 -16.45 -5.86 -1.22
CA PHE B 35 -17.86 -5.61 -1.54
C PHE B 35 -18.71 -6.85 -1.16
N THR B 36 -18.22 -8.05 -1.52
CA THR B 36 -18.89 -9.30 -1.14
C THR B 36 -18.97 -9.50 0.38
N TRP B 37 -17.84 -9.25 1.05
CA TRP B 37 -17.74 -9.30 2.50
C TRP B 37 -18.76 -8.37 3.15
N CYS B 38 -18.89 -7.14 2.64
CA CYS B 38 -19.86 -6.17 3.18
C CYS B 38 -21.34 -6.62 3.14
N HIS B 39 -21.65 -7.56 2.24
CA HIS B 39 -23.03 -8.08 2.09
C HIS B 39 -23.61 -8.71 3.37
N GLN B 40 -22.74 -9.20 4.26
CA GLN B 40 -23.17 -9.78 5.54
C GLN B 40 -23.53 -8.75 6.62
N LEU B 41 -23.31 -7.46 6.35
CA LEU B 41 -23.64 -6.38 7.28
C LEU B 41 -24.87 -5.62 6.83
N THR B 42 -25.57 -5.02 7.79
CA THR B 42 -26.73 -4.16 7.54
C THR B 42 -26.21 -2.80 7.06
N THR B 43 -27.08 -2.01 6.42
CA THR B 43 -26.67 -0.66 5.97
C THR B 43 -26.27 0.23 7.18
N GLU B 44 -26.95 0.04 8.31
CA GLU B 44 -26.63 0.73 9.57
C GLU B 44 -25.20 0.39 10.04
N GLU B 45 -24.86 -0.91 10.01
CA GLU B 45 -23.50 -1.39 10.33
C GLU B 45 -22.45 -0.79 9.36
N LEU B 46 -22.76 -0.84 8.07
CA LEU B 46 -21.90 -0.25 7.02
C LEU B 46 -21.69 1.26 7.19
N LEU B 47 -22.70 1.97 7.71
CA LEU B 47 -22.64 3.43 7.93
C LEU B 47 -22.23 3.88 9.35
N LYS B 48 -22.19 2.97 10.32
CA LYS B 48 -21.84 3.28 11.72
C LYS B 48 -20.44 3.87 11.82
N ASN B 49 -20.33 5.06 12.40
CA ASN B 49 -19.03 5.72 12.55
C ASN B 49 -18.19 5.05 13.65
N ARG B 50 -16.92 4.84 13.32
CA ARG B 50 -15.92 4.17 14.12
C ARG B 50 -14.72 5.10 14.11
N LEU B 51 -13.70 4.77 14.89
CA LEU B 51 -12.47 5.58 14.96
C LEU B 51 -11.48 5.04 13.94
N GLY B 52 -10.84 5.93 13.19
CA GLY B 52 -9.85 5.53 12.17
C GLY B 52 -10.28 5.98 10.78
N GLY B 53 -9.30 6.39 9.98
CA GLY B 53 -9.51 6.83 8.59
C GLY B 53 -10.72 7.74 8.40
N VAL B 54 -11.57 7.40 7.43
CA VAL B 54 -12.80 8.19 7.17
C VAL B 54 -14.02 7.61 7.96
N GLU B 55 -13.73 6.87 9.03
CA GLU B 55 -14.70 6.46 10.08
C GLU B 55 -15.80 5.41 9.83
N ASN B 56 -16.35 5.26 8.64
CA ASN B 56 -17.32 4.16 8.42
C ASN B 56 -16.92 3.31 7.23
N ILE B 57 -17.38 2.06 7.22
CA ILE B 57 -17.02 1.09 6.18
C ILE B 57 -17.46 1.52 4.78
N LEU B 58 -18.70 1.96 4.66
CA LEU B 58 -19.25 2.35 3.37
C LEU B 58 -18.56 3.62 2.80
N TYR B 59 -18.31 4.61 3.65
CA TYR B 59 -17.62 5.83 3.21
C TYR B 59 -16.15 5.56 2.86
N THR B 60 -15.52 4.60 3.53
CA THR B 60 -14.16 4.18 3.19
C THR B 60 -14.12 3.66 1.76
N LEU B 61 -15.06 2.80 1.40
CA LEU B 61 -15.13 2.26 0.04
C LEU B 61 -15.42 3.38 -0.98
N PHE B 62 -16.40 4.25 -0.67
CA PHE B 62 -16.72 5.41 -1.52
C PHE B 62 -15.50 6.30 -1.75
N HIS B 63 -14.80 6.59 -0.64
CA HIS B 63 -13.61 7.44 -0.63
C HIS B 63 -12.50 6.88 -1.52
N ILE B 64 -12.25 5.58 -1.41
CA ILE B 64 -11.28 4.90 -2.28
C ILE B 64 -11.64 5.12 -3.76
N ILE B 65 -12.89 4.83 -4.09
CA ILE B 65 -13.42 4.97 -5.45
C ILE B 65 -13.30 6.41 -5.94
N ASP B 66 -13.72 7.34 -5.08
CA ASP B 66 -13.71 8.78 -5.36
C ASP B 66 -12.30 9.30 -5.68
N VAL B 67 -11.37 9.05 -4.77
CA VAL B 67 -9.97 9.49 -4.90
C VAL B 67 -9.31 8.87 -6.14
N GLU B 68 -9.52 7.58 -6.36
CA GLU B 68 -8.92 6.93 -7.54
C GLU B 68 -9.37 7.62 -8.84
N TYR B 69 -10.68 7.79 -8.98
CA TYR B 69 -11.26 8.40 -10.19
C TYR B 69 -10.90 9.88 -10.35
N SER B 70 -10.86 10.62 -9.25
CA SER B 70 -10.49 12.05 -9.31
C SER B 70 -9.09 12.24 -9.86
N TRP B 71 -8.13 11.43 -9.41
CA TRP B 71 -6.75 11.49 -9.93
C TRP B 71 -6.63 11.05 -11.38
N ILE B 72 -7.36 10.00 -11.76
CA ILE B 72 -7.41 9.54 -13.16
C ILE B 72 -7.99 10.63 -14.08
N ARG B 73 -9.02 11.33 -13.61
CA ARG B 73 -9.60 12.47 -14.34
C ARG B 73 -8.61 13.64 -14.49
N ALA B 74 -7.80 13.87 -13.44
CA ALA B 74 -6.75 14.91 -13.46
C ALA B 74 -5.67 14.54 -14.50
N ILE B 75 -5.30 13.26 -14.55
CA ILE B 75 -4.37 12.71 -15.56
C ILE B 75 -4.91 12.98 -16.98
N GLN B 76 -6.22 12.74 -17.21
CA GLN B 76 -6.89 13.05 -18.50
CA GLN B 76 -6.81 13.00 -18.54
C GLN B 76 -6.97 14.53 -18.77
N GLY B 77 -6.89 15.33 -17.71
CA GLY B 77 -6.98 16.75 -17.80
C GLY B 77 -8.41 17.21 -17.88
N LYS B 78 -9.36 16.40 -17.41
CA LYS B 78 -10.78 16.77 -17.44
C LYS B 78 -11.14 17.60 -16.22
N GLU B 79 -12.28 18.29 -16.33
CA GLU B 79 -12.82 19.11 -15.25
C GLU B 79 -13.06 18.22 -14.05
N ASP B 80 -12.91 18.80 -12.86
CA ASP B 80 -12.99 18.04 -11.62
C ASP B 80 -14.33 17.25 -11.47
N ILE B 81 -15.43 17.91 -11.10
CA ILE B 81 -16.75 17.24 -10.91
C ILE B 81 -16.70 16.10 -9.85
N ALA B 82 -16.87 16.49 -8.59
CA ALA B 82 -16.80 15.59 -7.44
C ALA B 82 -18.16 14.99 -7.07
N VAL B 83 -18.26 13.65 -7.19
CA VAL B 83 -19.42 12.88 -6.77
C VAL B 83 -19.56 13.02 -5.23
N GLN B 84 -20.81 13.09 -4.75
CA GLN B 84 -21.12 13.32 -3.33
C GLN B 84 -21.56 12.04 -2.63
N PHE B 85 -20.95 11.72 -1.48
CA PHE B 85 -21.30 10.51 -0.71
C PHE B 85 -22.81 10.39 -0.37
N ALA B 86 -23.47 11.53 -0.15
CA ALA B 86 -24.94 11.60 0.12
C ALA B 86 -25.78 10.85 -0.93
N ASP B 87 -25.33 10.82 -2.18
CA ASP B 87 -26.04 10.11 -3.27
C ASP B 87 -25.71 8.60 -3.37
N TYR B 88 -24.86 8.07 -2.47
CA TYR B 88 -24.36 6.67 -2.51
C TYR B 88 -24.33 6.12 -1.09
N GLN B 89 -25.52 6.01 -0.50
CA GLN B 89 -25.69 5.57 0.92
C GLN B 89 -25.96 4.07 1.12
N THR B 90 -25.74 3.24 0.10
CA THR B 90 -25.92 1.78 0.21
C THR B 90 -24.74 1.05 -0.45
N LEU B 91 -24.54 -0.20 -0.01
CA LEU B 91 -23.51 -1.09 -0.57
C LEU B 91 -23.68 -1.23 -2.09
N ASN B 92 -24.92 -1.50 -2.51
CA ASN B 92 -25.23 -1.65 -3.95
C ASN B 92 -24.93 -0.41 -4.79
N LYS B 93 -25.23 0.78 -4.25
CA LYS B 93 -24.93 2.06 -4.97
C LYS B 93 -23.43 2.32 -5.04
N VAL B 94 -22.70 2.03 -3.95
CA VAL B 94 -21.24 2.20 -3.94
C VAL B 94 -20.59 1.19 -4.92
N LYS B 95 -21.07 -0.05 -4.90
CA LYS B 95 -20.59 -1.10 -5.82
C LYS B 95 -20.84 -0.71 -7.28
N SER B 96 -22.02 -0.14 -7.58
CA SER B 96 -22.34 0.34 -8.94
C SER B 96 -21.44 1.49 -9.38
N LEU B 97 -21.12 2.42 -8.46
CA LEU B 97 -20.23 3.55 -8.72
C LEU B 97 -18.83 3.07 -9.12
N SER B 98 -18.33 2.09 -8.37
CA SER B 98 -17.04 1.43 -8.67
C SER B 98 -17.04 0.93 -10.10
N ASN B 99 -18.11 0.21 -10.48
CA ASN B 99 -18.25 -0.31 -11.84
C ASN B 99 -18.36 0.77 -12.92
N THR B 100 -19.06 1.86 -12.62
CA THR B 100 -19.26 2.96 -13.58
C THR B 100 -17.95 3.55 -14.11
N PHE B 101 -16.98 3.74 -13.22
CA PHE B 101 -15.70 4.36 -13.59
C PHE B 101 -14.60 3.45 -14.12
N ARG B 102 -14.69 2.13 -13.88
CA ARG B 102 -13.65 1.16 -14.24
C ARG B 102 -13.12 1.23 -15.66
N THR B 103 -14.03 1.17 -16.64
CA THR B 103 -13.62 1.16 -18.06
C THR B 103 -12.91 2.48 -18.43
N GLU B 104 -13.39 3.60 -17.90
CA GLU B 104 -12.70 4.89 -18.12
C GLU B 104 -11.31 4.87 -17.52
N ILE B 105 -11.20 4.36 -16.28
CA ILE B 105 -9.92 4.25 -15.57
C ILE B 105 -8.93 3.38 -16.36
N ILE B 106 -9.39 2.22 -16.85
CA ILE B 106 -8.54 1.32 -17.66
C ILE B 106 -8.03 2.04 -18.95
N ASP B 107 -8.94 2.70 -19.65
CA ASP B 107 -8.59 3.42 -20.90
C ASP B 107 -7.54 4.51 -20.65
N VAL B 108 -7.73 5.27 -19.56
CA VAL B 108 -6.80 6.34 -19.17
C VAL B 108 -5.43 5.76 -18.84
N LEU B 109 -5.40 4.69 -18.05
CA LEU B 109 -4.15 4.02 -17.71
C LEU B 109 -3.41 3.53 -18.96
N GLN B 110 -4.14 2.90 -19.88
CA GLN B 110 -3.58 2.42 -21.15
C GLN B 110 -3.04 3.57 -22.02
N THR B 111 -3.79 4.67 -22.07
CA THR B 111 -3.42 5.90 -22.79
C THR B 111 -2.17 6.61 -22.26
N HIS B 112 -1.84 6.39 -20.98
CA HIS B 112 -0.69 7.00 -20.30
C HIS B 112 0.32 5.92 -19.87
N SER B 113 0.62 5.02 -20.80
CA SER B 113 1.45 3.83 -20.54
C SER B 113 2.88 3.91 -21.08
N ASP B 114 3.28 5.07 -21.60
CA ASP B 114 4.59 5.18 -22.28
C ASP B 114 5.72 5.43 -21.27
N GLN B 115 6.93 5.67 -21.77
CA GLN B 115 8.11 5.86 -20.92
CA GLN B 115 8.11 5.86 -20.93
C GLN B 115 8.25 7.29 -20.36
N ILE B 116 7.36 8.21 -20.74
CA ILE B 116 7.49 9.61 -20.27
C ILE B 116 6.73 9.70 -18.92
N LYS B 117 7.30 9.01 -17.94
CA LYS B 117 6.63 8.84 -16.62
C LYS B 117 6.59 10.10 -15.76
N ASP B 118 7.44 11.09 -16.05
CA ASP B 118 7.40 12.38 -15.35
C ASP B 118 6.41 13.38 -16.05
N GLU B 119 5.50 12.87 -16.89
CA GLU B 119 4.43 13.67 -17.48
C GLU B 119 3.77 14.49 -16.36
N LEU B 120 3.67 15.80 -16.57
CA LEU B 120 3.11 16.72 -15.60
C LEU B 120 1.60 16.72 -15.65
N VAL B 121 0.98 16.73 -14.46
CA VAL B 121 -0.47 16.77 -14.28
C VAL B 121 -0.81 17.93 -13.37
N SER B 122 -1.72 18.80 -13.82
CA SER B 122 -2.22 19.92 -13.03
C SER B 122 -3.31 19.40 -12.09
N VAL B 123 -3.36 19.93 -10.87
CA VAL B 123 -4.27 19.48 -9.81
C VAL B 123 -5.36 20.55 -9.70
N PRO B 124 -6.59 20.28 -10.17
CA PRO B 124 -7.68 21.29 -10.11
C PRO B 124 -8.01 21.88 -8.71
N TRP B 125 -7.80 21.08 -7.67
CA TRP B 125 -8.05 21.41 -6.25
C TRP B 125 -6.82 21.97 -5.50
N GLU B 126 -5.70 22.20 -6.21
CA GLU B 126 -4.48 22.83 -5.65
C GLU B 126 -3.92 23.78 -6.68
N THR B 127 -4.12 25.07 -6.46
CA THR B 127 -3.65 26.11 -7.35
C THR B 127 -2.12 26.10 -7.48
N GLY B 128 -1.63 26.06 -8.71
CA GLY B 128 -0.20 26.08 -9.03
C GLY B 128 0.65 24.89 -8.65
N VAL B 129 0.01 23.76 -8.36
CA VAL B 129 0.69 22.55 -7.96
C VAL B 129 0.60 21.56 -9.11
N LEU B 130 1.72 20.88 -9.36
CA LEU B 130 1.82 19.85 -10.36
C LEU B 130 2.38 18.61 -9.75
N TYR B 131 1.88 17.46 -10.19
CA TYR B 131 2.47 16.19 -9.85
C TYR B 131 2.74 15.46 -11.14
N THR B 132 3.62 14.48 -11.09
CA THR B 132 3.92 13.66 -12.25
C THR B 132 2.94 12.49 -12.28
N ARG B 133 2.73 11.95 -13.47
CA ARG B 133 1.97 10.73 -13.68
C ARG B 133 2.50 9.65 -12.73
N ASP B 134 3.82 9.48 -12.69
CA ASP B 134 4.49 8.47 -11.82
C ASP B 134 4.11 8.64 -10.32
N GLU B 135 4.18 9.86 -9.82
CA GLU B 135 3.79 10.16 -8.43
CA GLU B 135 3.81 10.13 -8.42
C GLU B 135 2.35 9.80 -8.12
N ILE B 136 1.47 10.22 -9.02
CA ILE B 136 0.03 10.00 -8.89
C ILE B 136 -0.32 8.52 -8.88
N LEU B 137 0.30 7.75 -9.77
CA LEU B 137 0.04 6.33 -9.83
C LEU B 137 0.48 5.60 -8.56
N HIS B 138 1.65 5.97 -8.04
CA HIS B 138 2.13 5.42 -6.75
C HIS B 138 1.16 5.79 -5.63
N HIS B 139 0.74 7.04 -5.61
CA HIS B 139 -0.18 7.56 -4.59
C HIS B 139 -1.52 6.82 -4.58
N ILE B 140 -2.14 6.69 -5.75
CA ILE B 140 -3.40 5.95 -5.97
C ILE B 140 -3.28 4.52 -5.46
N ILE B 141 -2.21 3.86 -5.88
CA ILE B 141 -1.96 2.47 -5.42
C ILE B 141 -1.87 2.36 -3.89
N ALA B 142 -1.02 3.19 -3.28
CA ALA B 142 -0.84 3.17 -1.82
C ALA B 142 -2.16 3.53 -1.09
N HIS B 143 -2.89 4.50 -1.65
CA HIS B 143 -4.15 4.99 -1.06
C HIS B 143 -5.16 3.89 -0.79
N GLU B 144 -5.42 3.07 -1.79
CA GLU B 144 -6.39 1.98 -1.62
C GLU B 144 -5.90 0.92 -0.62
N ILE B 145 -4.64 0.49 -0.74
CA ILE B 145 -4.10 -0.54 0.19
C ILE B 145 -4.16 -0.04 1.65
N HIS B 146 -3.83 1.25 1.85
CA HIS B 146 -3.92 1.92 3.17
C HIS B 146 -5.32 1.86 3.79
N HIS B 147 -6.34 2.30 3.04
CA HIS B 147 -7.72 2.31 3.53
C HIS B 147 -8.26 0.90 3.70
N ILE B 148 -7.92 0.02 2.78
CA ILE B 148 -8.32 -1.39 2.91
C ILE B 148 -7.69 -2.00 4.19
N GLY B 149 -6.45 -1.61 4.54
CA GLY B 149 -5.86 -2.06 5.81
C GLY B 149 -6.69 -1.68 7.02
N GLN B 150 -7.30 -0.50 6.96
CA GLN B 150 -8.16 0.00 8.04
C GLN B 150 -9.42 -0.88 8.16
N LEU B 151 -10.00 -1.27 7.03
CA LEU B 151 -11.19 -2.16 7.04
C LEU B 151 -10.94 -3.47 7.77
N SER B 152 -9.73 -4.02 7.60
CA SER B 152 -9.37 -5.30 8.27
C SER B 152 -9.40 -5.23 9.80
N VAL B 153 -9.16 -4.04 10.38
CA VAL B 153 -9.25 -3.87 11.85
C VAL B 153 -10.73 -3.86 12.27
N TRP B 154 -11.54 -3.04 11.58
CA TRP B 154 -12.98 -2.97 11.85
C TRP B 154 -13.67 -4.33 11.65
N ALA B 155 -13.17 -5.13 10.70
CA ALA B 155 -13.68 -6.49 10.45
C ALA B 155 -13.54 -7.33 11.70
N ARG B 156 -12.35 -7.31 12.32
CA ARG B 156 -12.11 -8.08 13.58
C ARG B 156 -12.86 -7.52 14.78
N GLU B 157 -13.10 -6.21 14.79
CA GLU B 157 -13.90 -5.56 15.83
C GLU B 157 -15.37 -5.99 15.73
N LEU B 158 -15.83 -6.28 14.50
CA LEU B 158 -17.17 -6.83 14.25
C LEU B 158 -17.23 -8.37 14.42
N LYS B 159 -16.13 -8.99 14.87
CA LYS B 159 -16.00 -10.43 15.11
C LYS B 159 -16.18 -11.26 13.81
N LEU B 160 -15.71 -10.67 12.71
CA LEU B 160 -15.75 -11.30 11.38
C LEU B 160 -14.33 -11.42 10.84
N SER B 161 -14.07 -12.48 10.07
CA SER B 161 -12.79 -12.66 9.43
C SER B 161 -12.61 -11.64 8.29
N PRO B 162 -11.46 -10.93 8.20
CA PRO B 162 -11.29 -9.98 7.09
C PRO B 162 -11.03 -10.67 5.74
N VAL B 163 -11.12 -9.92 4.65
CA VAL B 163 -10.71 -10.41 3.35
C VAL B 163 -9.16 -10.38 3.35
N SER B 164 -8.53 -11.42 2.84
CA SER B 164 -7.04 -11.44 2.76
C SER B 164 -6.45 -10.29 1.90
N ALA B 165 -5.35 -9.71 2.38
CA ALA B 165 -4.61 -8.69 1.64
C ALA B 165 -3.38 -9.28 0.94
N SER B 166 -3.18 -10.60 1.00
CA SER B 166 -2.00 -11.22 0.38
C SER B 166 -1.98 -10.97 -1.11
N PHE B 167 -0.85 -10.47 -1.61
CA PHE B 167 -0.67 -10.27 -3.04
C PHE B 167 -0.50 -11.62 -3.76
N ILE B 168 0.38 -12.47 -3.23
CA ILE B 168 0.63 -13.80 -3.77
C ILE B 168 -0.61 -14.69 -3.61
N GLY B 169 -0.87 -15.53 -4.62
CA GLY B 169 -1.99 -16.47 -4.63
C GLY B 169 -3.28 -15.86 -5.16
N ARG B 170 -3.20 -15.29 -6.37
CA ARG B 170 -4.33 -14.63 -7.05
C ARG B 170 -4.27 -14.84 -8.57
NI NI C . 1.27 -9.84 7.61
C1 CIT D . -1.43 -10.61 6.27
O1 CIT D . -0.36 -9.92 6.27
O2 CIT D . -2.31 -10.40 5.43
C2 CIT D . -1.75 -11.70 7.27
C3 CIT D . -0.60 -12.03 8.21
O7 CIT D . -0.28 -10.75 8.86
C4 CIT D . -1.10 -13.01 9.28
C5 CIT D . -0.10 -13.33 10.38
O3 CIT D . -0.26 -14.37 11.06
O4 CIT D . 0.88 -12.60 10.65
C6 CIT D . 0.56 -12.61 7.39
O5 CIT D . 1.57 -11.91 7.11
O6 CIT D . 0.53 -13.79 6.96
C1 EDO E . -1.91 7.17 -0.06
O1 EDO E . -0.68 7.77 -0.44
C2 EDO E . -2.53 7.44 1.33
O2 EDO E . -2.74 8.84 1.63
NI NI F . -7.79 8.73 1.94
C1 CIT G . -5.27 9.24 3.71
O1 CIT G . -5.87 8.61 2.79
O2 CIT G . -4.10 8.92 3.98
C2 CIT G . -5.92 10.37 4.48
C3 CIT G . -7.26 10.86 3.94
O7 CIT G . -8.13 9.71 3.80
C4 CIT G . -7.90 11.83 4.93
C5 CIT G . -9.30 12.31 4.54
O3 CIT G . -9.65 13.47 4.88
O4 CIT G . -10.10 11.58 3.90
C6 CIT G . -7.08 11.47 2.53
O5 CIT G . -7.40 10.81 1.48
O6 CIT G . -6.57 12.57 2.37
#